data_2AB9
#
_entry.id   2AB9
#
_entity_poly.entity_id   1
_entity_poly.type   'polypeptide(L)'
_entity_poly.pdbx_seq_one_letter_code
;GYKTSISTITIEDNGRCTKSIPPICFPDGRP
;
_entity_poly.pdbx_strand_id   A
#
# COMPACT_ATOMS: atom_id res chain seq x y z
N GLY A 1 0.27 13.99 5.75
CA GLY A 1 1.64 14.14 5.28
C GLY A 1 1.89 13.33 4.02
N TYR A 2 1.27 12.17 3.96
CA TYR A 2 1.41 11.29 2.81
C TYR A 2 0.68 11.87 1.61
N LYS A 3 1.41 12.10 0.53
CA LYS A 3 0.84 12.66 -0.68
C LYS A 3 0.14 11.57 -1.49
N THR A 4 -1.10 11.81 -1.87
CA THR A 4 -1.86 10.85 -2.66
C THR A 4 -1.27 10.77 -4.05
N SER A 5 -0.85 11.92 -4.58
CA SER A 5 -0.25 12.00 -5.89
C SER A 5 1.19 11.48 -5.85
N ILE A 6 1.53 10.63 -6.80
CA ILE A 6 2.86 10.06 -6.89
C ILE A 6 3.91 11.16 -7.03
N SER A 7 5.08 10.95 -6.43
CA SER A 7 6.16 11.92 -6.47
C SER A 7 7.50 11.20 -6.44
N THR A 8 7.94 10.76 -7.61
CA THR A 8 9.21 10.04 -7.76
C THR A 8 10.40 10.98 -7.59
N ILE A 9 10.63 11.43 -6.36
CA ILE A 9 11.73 12.33 -6.05
C ILE A 9 13.06 11.63 -6.28
N THR A 10 13.06 10.33 -6.05
CA THR A 10 14.25 9.50 -6.23
C THR A 10 13.83 8.08 -6.59
N ILE A 11 12.86 7.56 -5.85
CA ILE A 11 12.33 6.24 -6.08
C ILE A 11 10.81 6.30 -6.20
N GLU A 12 10.24 5.39 -6.97
CA GLU A 12 8.80 5.37 -7.15
C GLU A 12 8.14 4.50 -6.09
N ASP A 13 7.25 5.09 -5.30
CA ASP A 13 6.55 4.36 -4.26
C ASP A 13 5.41 5.20 -3.70
N ASN A 14 4.34 4.53 -3.31
CA ASN A 14 3.15 5.19 -2.75
C ASN A 14 2.16 4.13 -2.33
N GLY A 15 1.67 4.23 -1.09
CA GLY A 15 0.73 3.26 -0.58
C GLY A 15 1.37 1.89 -0.44
N ARG A 16 0.81 0.90 -1.14
CA ARG A 16 1.34 -0.46 -1.12
C ARG A 16 1.38 -1.02 0.30
N CYS A 17 2.35 -1.87 0.56
CA CYS A 17 2.50 -2.47 1.87
C CYS A 17 3.86 -2.09 2.45
N THR A 18 3.84 -1.69 3.71
CA THR A 18 5.05 -1.27 4.40
C THR A 18 6.07 -2.39 4.57
N LYS A 19 7.33 -2.02 4.50
CA LYS A 19 8.43 -2.96 4.65
C LYS A 19 9.14 -2.72 5.98
N SER A 20 8.34 -2.60 7.03
CA SER A 20 8.84 -2.35 8.38
C SER A 20 7.70 -2.52 9.35
N ILE A 21 7.85 -1.93 10.51
CA ILE A 21 6.84 -2.01 11.55
C ILE A 21 5.97 -0.73 11.57
N PRO A 22 4.64 -0.88 11.50
CA PRO A 22 3.96 -2.17 11.41
C PRO A 22 3.78 -2.62 9.96
N PRO A 23 3.99 -3.92 9.66
CA PRO A 23 3.85 -4.44 8.31
C PRO A 23 2.38 -4.58 7.90
N ILE A 24 1.89 -3.59 7.19
CA ILE A 24 0.51 -3.58 6.74
C ILE A 24 0.38 -2.80 5.45
N CYS A 25 -0.55 -3.22 4.61
CA CYS A 25 -0.79 -2.56 3.33
C CYS A 25 -1.61 -1.28 3.54
N PHE A 26 -1.01 -0.36 4.27
CA PHE A 26 -1.62 0.92 4.59
C PHE A 26 -0.51 1.96 4.72
N PRO A 27 -0.71 3.18 4.19
CA PRO A 27 0.30 4.25 4.23
C PRO A 27 0.58 4.77 5.64
N ASP A 28 1.19 3.92 6.47
CA ASP A 28 1.53 4.26 7.84
C ASP A 28 2.68 3.38 8.32
N GLY A 29 3.65 3.99 8.99
CA GLY A 29 4.80 3.26 9.49
C GLY A 29 5.47 3.98 10.63
N ARG A 30 6.03 3.22 11.55
CA ARG A 30 6.71 3.79 12.70
C ARG A 30 8.18 4.04 12.39
N PRO A 31 8.67 5.26 12.64
CA PRO A 31 10.07 5.61 12.37
C PRO A 31 11.03 4.90 13.31
N GLY A 1 -21.26 6.44 8.09
CA GLY A 1 -21.94 5.26 7.59
C GLY A 1 -20.97 4.24 7.03
N TYR A 2 -21.32 3.66 5.89
CA TYR A 2 -20.47 2.66 5.25
C TYR A 2 -19.26 3.34 4.62
N LYS A 3 -18.08 2.83 4.95
CA LYS A 3 -16.84 3.38 4.42
C LYS A 3 -16.72 3.08 2.93
N THR A 4 -17.18 4.03 2.11
CA THR A 4 -17.14 3.88 0.66
C THR A 4 -15.70 3.85 0.16
N SER A 5 -14.83 4.58 0.85
CA SER A 5 -13.42 4.66 0.52
C SER A 5 -12.68 3.37 0.87
N ILE A 6 -13.08 2.27 0.24
CA ILE A 6 -12.44 0.99 0.49
C ILE A 6 -11.09 0.92 -0.25
N SER A 7 -10.02 0.77 0.52
CA SER A 7 -8.68 0.70 -0.06
C SER A 7 -8.13 -0.71 0.07
N THR A 8 -8.94 -1.70 -0.27
CA THR A 8 -8.52 -3.09 -0.19
C THR A 8 -9.35 -3.96 -1.13
N ILE A 9 -8.67 -4.67 -2.03
CA ILE A 9 -9.32 -5.55 -3.03
C ILE A 9 -10.03 -4.75 -4.12
N THR A 10 -10.76 -3.74 -3.72
CA THR A 10 -11.49 -2.88 -4.64
C THR A 10 -10.54 -2.14 -5.58
N ILE A 11 -9.44 -1.65 -5.04
CA ILE A 11 -8.46 -0.93 -5.82
C ILE A 11 -7.22 -1.78 -6.07
N GLU A 12 -6.61 -1.58 -7.23
CA GLU A 12 -5.41 -2.31 -7.60
C GLU A 12 -4.19 -1.75 -6.86
N ASP A 13 -3.27 -2.65 -6.51
CA ASP A 13 -2.05 -2.27 -5.80
C ASP A 13 -0.98 -3.33 -5.98
N ASN A 14 0.23 -2.90 -6.33
CA ASN A 14 1.34 -3.82 -6.55
C ASN A 14 2.03 -4.22 -5.24
N GLY A 15 1.23 -4.44 -4.21
CA GLY A 15 1.77 -4.84 -2.92
C GLY A 15 2.61 -3.75 -2.28
N ARG A 16 2.05 -2.55 -2.23
CA ARG A 16 2.72 -1.40 -1.64
C ARG A 16 2.61 -1.41 -0.13
N CYS A 17 2.61 -2.60 0.45
CA CYS A 17 2.53 -2.78 1.88
C CYS A 17 3.85 -2.33 2.51
N THR A 18 3.77 -1.69 3.66
CA THR A 18 4.95 -1.18 4.35
C THR A 18 6.00 -2.28 4.57
N LYS A 19 7.25 -1.90 4.44
CA LYS A 19 8.36 -2.84 4.61
C LYS A 19 9.05 -2.58 5.94
N SER A 20 8.25 -2.33 6.97
CA SER A 20 8.76 -2.04 8.31
C SER A 20 7.65 -2.27 9.32
N ILE A 21 7.98 -2.18 10.59
CA ILE A 21 7.00 -2.37 11.65
C ILE A 21 6.20 -1.09 11.88
N PRO A 22 4.85 -1.17 11.86
CA PRO A 22 4.12 -2.41 11.62
C PRO A 22 3.83 -2.63 10.13
N PRO A 23 4.00 -3.87 9.64
CA PRO A 23 3.77 -4.20 8.24
C PRO A 23 2.28 -4.27 7.90
N ILE A 24 1.82 -3.31 7.12
CA ILE A 24 0.43 -3.27 6.71
C ILE A 24 0.31 -2.60 5.34
N CYS A 25 -0.61 -3.11 4.55
CA CYS A 25 -0.84 -2.60 3.20
C CYS A 25 -1.66 -1.33 3.22
N PHE A 26 -1.11 -0.31 3.87
CA PHE A 26 -1.76 0.98 3.99
C PHE A 26 -0.71 2.05 4.25
N PRO A 27 -0.65 3.09 3.41
CA PRO A 27 0.33 4.17 3.56
C PRO A 27 0.06 5.01 4.81
N ASP A 28 1.06 5.12 5.66
CA ASP A 28 0.95 5.88 6.90
C ASP A 28 2.35 6.23 7.41
N GLY A 29 2.44 7.29 8.20
CA GLY A 29 3.71 7.75 8.73
C GLY A 29 4.29 6.86 9.82
N ARG A 30 4.66 5.64 9.46
CA ARG A 30 5.23 4.70 10.42
C ARG A 30 6.69 4.36 10.08
N PRO A 31 6.99 3.90 8.85
CA PRO A 31 8.36 3.55 8.45
C PRO A 31 9.26 4.79 8.38
N GLY A 1 4.46 9.52 -14.77
CA GLY A 1 4.79 10.61 -13.87
C GLY A 1 3.61 10.99 -13.00
N TYR A 2 3.36 12.28 -12.85
CA TYR A 2 2.26 12.77 -12.03
C TYR A 2 0.94 12.52 -12.74
N LYS A 3 0.02 11.83 -12.05
CA LYS A 3 -1.29 11.54 -12.62
C LYS A 3 -2.22 12.74 -12.49
N THR A 4 -1.75 13.89 -12.92
CA THR A 4 -2.53 15.11 -12.88
C THR A 4 -3.68 15.04 -13.89
N SER A 5 -3.45 14.28 -14.94
CA SER A 5 -4.43 14.07 -15.98
C SER A 5 -4.13 12.76 -16.71
N ILE A 6 -2.86 12.58 -17.05
CA ILE A 6 -2.41 11.38 -17.72
C ILE A 6 -2.34 10.21 -16.74
N SER A 7 -2.98 9.10 -17.10
CA SER A 7 -2.98 7.93 -16.25
C SER A 7 -1.84 6.99 -16.60
N THR A 8 -0.63 7.53 -16.68
CA THR A 8 0.55 6.77 -17.02
C THR A 8 1.03 5.94 -15.83
N ILE A 9 0.16 5.08 -15.33
CA ILE A 9 0.46 4.23 -14.19
C ILE A 9 1.48 3.17 -14.56
N THR A 10 1.17 2.44 -15.63
CA THR A 10 2.02 1.37 -16.15
C THR A 10 1.96 0.13 -15.25
N ILE A 11 2.16 0.32 -13.96
CA ILE A 11 2.12 -0.76 -12.99
C ILE A 11 1.04 -0.51 -11.95
N GLU A 12 0.50 -1.59 -11.41
CA GLU A 12 -0.54 -1.51 -10.40
C GLU A 12 0.06 -1.15 -9.04
N ASP A 13 -0.63 -0.27 -8.31
CA ASP A 13 -0.19 0.15 -6.99
C ASP A 13 -1.36 0.75 -6.22
N ASN A 14 -1.64 0.18 -5.07
CA ASN A 14 -2.72 0.63 -4.21
C ASN A 14 -2.54 0.03 -2.82
N GLY A 15 -2.79 0.83 -1.80
CA GLY A 15 -2.61 0.37 -0.43
C GLY A 15 -1.14 0.35 -0.06
N ARG A 16 -0.39 -0.52 -0.75
CA ARG A 16 1.05 -0.67 -0.58
C ARG A 16 1.43 -1.17 0.83
N CYS A 17 2.07 -2.32 0.88
CA CYS A 17 2.47 -2.90 2.15
C CYS A 17 3.81 -2.32 2.59
N THR A 18 3.87 -1.90 3.83
CA THR A 18 5.08 -1.32 4.41
C THR A 18 6.14 -2.38 4.64
N LYS A 19 7.40 -1.98 4.47
CA LYS A 19 8.52 -2.88 4.67
C LYS A 19 9.19 -2.57 6.00
N SER A 20 8.36 -2.32 7.01
CA SER A 20 8.83 -2.01 8.35
C SER A 20 7.70 -2.27 9.32
N ILE A 21 7.98 -2.13 10.62
CA ILE A 21 6.97 -2.36 11.63
C ILE A 21 6.14 -1.10 11.86
N PRO A 22 4.79 -1.21 11.78
CA PRO A 22 4.09 -2.44 11.49
C PRO A 22 3.82 -2.62 9.99
N PRO A 23 4.01 -3.84 9.47
CA PRO A 23 3.79 -4.14 8.05
C PRO A 23 2.30 -4.20 7.71
N ILE A 24 1.82 -3.15 7.07
CA ILE A 24 0.41 -3.07 6.68
C ILE A 24 0.30 -2.53 5.27
N CYS A 25 -0.62 -3.09 4.50
CA CYS A 25 -0.84 -2.67 3.13
C CYS A 25 -1.85 -1.53 3.08
N PHE A 26 -1.48 -0.40 3.65
CA PHE A 26 -2.35 0.78 3.68
C PHE A 26 -1.59 2.05 4.11
N PRO A 27 -0.95 2.07 5.31
CA PRO A 27 -0.23 3.23 5.78
C PRO A 27 1.25 3.20 5.39
N ASP A 28 1.51 3.36 4.10
CA ASP A 28 2.87 3.35 3.58
C ASP A 28 3.69 4.52 4.15
N GLY A 29 4.99 4.50 3.90
CA GLY A 29 5.87 5.55 4.37
C GLY A 29 6.16 5.42 5.85
N ARG A 30 6.36 4.19 6.30
CA ARG A 30 6.66 3.94 7.70
C ARG A 30 8.16 4.01 7.93
N PRO A 31 8.61 4.76 8.95
CA PRO A 31 10.03 4.89 9.26
C PRO A 31 10.63 3.60 9.80
N GLY A 1 1.00 8.11 -1.34
CA GLY A 1 1.99 8.65 -0.43
C GLY A 1 1.38 8.99 0.93
N TYR A 2 1.85 10.09 1.50
CA TYR A 2 1.38 10.55 2.81
C TYR A 2 0.00 11.23 2.70
N LYS A 3 -0.97 10.48 2.20
CA LYS A 3 -2.33 10.98 2.02
C LYS A 3 -3.08 11.02 3.36
N THR A 4 -2.61 11.85 4.29
CA THR A 4 -3.24 11.98 5.59
C THR A 4 -4.69 12.44 5.44
N SER A 5 -4.90 13.37 4.53
CA SER A 5 -6.23 13.88 4.26
C SER A 5 -6.99 12.90 3.37
N ILE A 6 -7.87 12.12 3.98
CA ILE A 6 -8.67 11.14 3.26
C ILE A 6 -9.56 11.82 2.23
N SER A 7 -9.34 11.52 0.96
CA SER A 7 -10.12 12.10 -0.12
C SER A 7 -9.87 11.34 -1.42
N THR A 8 -10.93 10.79 -1.98
CA THR A 8 -10.84 10.03 -3.21
C THR A 8 -11.05 10.95 -4.42
N ILE A 9 -10.04 11.03 -5.28
CA ILE A 9 -10.11 11.88 -6.47
C ILE A 9 -11.10 11.29 -7.48
N THR A 10 -10.96 10.00 -7.69
CA THR A 10 -11.80 9.23 -8.61
C THR A 10 -11.74 7.79 -8.15
N ILE A 11 -10.52 7.35 -7.93
CA ILE A 11 -10.21 6.01 -7.43
C ILE A 11 -9.05 6.18 -6.47
N GLU A 12 -9.00 5.41 -5.41
CA GLU A 12 -7.93 5.55 -4.44
C GLU A 12 -6.81 4.57 -4.72
N ASP A 13 -5.59 5.00 -4.43
CA ASP A 13 -4.39 4.19 -4.65
C ASP A 13 -4.40 2.95 -3.76
N ASN A 14 -3.91 1.85 -4.31
CA ASN A 14 -3.84 0.60 -3.57
C ASN A 14 -2.88 0.75 -2.40
N GLY A 15 -3.30 0.32 -1.22
CA GLY A 15 -2.46 0.42 -0.04
C GLY A 15 -1.14 -0.31 -0.22
N ARG A 16 -0.07 0.45 -0.31
CA ARG A 16 1.26 -0.12 -0.48
C ARG A 16 1.69 -0.81 0.80
N CYS A 17 2.04 -2.08 0.70
CA CYS A 17 2.48 -2.82 1.87
C CYS A 17 3.79 -2.28 2.39
N THR A 18 3.84 -2.06 3.67
CA THR A 18 4.99 -1.48 4.32
C THR A 18 6.09 -2.49 4.55
N LYS A 19 7.31 -2.01 4.40
CA LYS A 19 8.50 -2.82 4.60
C LYS A 19 9.13 -2.47 5.95
N SER A 20 8.29 -2.29 6.96
CA SER A 20 8.73 -1.94 8.29
C SER A 20 7.61 -2.20 9.29
N ILE A 21 7.93 -2.13 10.56
CA ILE A 21 6.94 -2.37 11.61
C ILE A 21 6.16 -1.07 11.89
N PRO A 22 4.81 -1.15 11.90
CA PRO A 22 4.06 -2.38 11.66
C PRO A 22 3.79 -2.62 10.18
N PRO A 23 3.96 -3.87 9.70
CA PRO A 23 3.75 -4.22 8.29
C PRO A 23 2.27 -4.29 7.94
N ILE A 24 1.83 -3.34 7.13
CA ILE A 24 0.44 -3.28 6.69
C ILE A 24 0.38 -2.63 5.32
N CYS A 25 -0.52 -3.11 4.49
CA CYS A 25 -0.68 -2.59 3.15
C CYS A 25 -1.43 -1.27 3.14
N PHE A 26 -0.68 -0.23 3.49
CA PHE A 26 -1.16 1.14 3.56
C PHE A 26 0.06 2.04 3.73
N PRO A 27 0.23 3.08 2.87
CA PRO A 27 1.37 4.00 2.89
C PRO A 27 1.88 4.28 4.29
N ASP A 28 3.17 4.02 4.50
CA ASP A 28 3.82 4.21 5.79
C ASP A 28 4.08 5.69 6.13
N GLY A 29 3.01 6.46 6.31
CA GLY A 29 3.16 7.85 6.68
C GLY A 29 3.21 8.01 8.19
N ARG A 30 3.13 6.89 8.89
CA ARG A 30 3.16 6.86 10.33
C ARG A 30 4.58 6.57 10.85
N PRO A 31 5.21 5.44 10.42
CA PRO A 31 6.57 5.09 10.87
C PRO A 31 7.62 6.07 10.37
N GLY A 1 3.60 11.10 -13.33
CA GLY A 1 2.42 10.89 -14.15
C GLY A 1 1.16 11.27 -13.42
N TYR A 2 0.24 11.93 -14.12
CA TYR A 2 -1.02 12.35 -13.54
C TYR A 2 -2.01 11.19 -13.51
N LYS A 3 -1.67 10.16 -12.73
CA LYS A 3 -2.50 8.95 -12.61
C LYS A 3 -2.72 8.28 -13.96
N THR A 4 -1.66 8.26 -14.76
CA THR A 4 -1.71 7.64 -16.08
C THR A 4 -1.82 6.12 -15.97
N SER A 5 -1.26 5.57 -14.90
CA SER A 5 -1.30 4.14 -14.66
C SER A 5 -0.95 3.87 -13.20
N ILE A 6 -1.68 2.93 -12.59
CA ILE A 6 -1.45 2.58 -11.21
C ILE A 6 -0.27 1.62 -11.07
N SER A 7 0.62 1.90 -10.11
CA SER A 7 1.80 1.08 -9.86
C SER A 7 2.65 0.92 -11.12
N THR A 8 2.79 2.00 -11.87
CA THR A 8 3.59 1.97 -13.09
C THR A 8 5.03 2.34 -12.79
N ILE A 9 5.52 1.77 -11.70
CA ILE A 9 6.90 1.97 -11.21
C ILE A 9 7.12 3.38 -10.66
N THR A 10 6.81 4.38 -11.47
CA THR A 10 7.00 5.77 -11.08
C THR A 10 5.93 6.26 -10.10
N ILE A 11 4.67 5.97 -10.41
CA ILE A 11 3.57 6.42 -9.55
C ILE A 11 2.71 5.27 -9.06
N GLU A 12 2.12 5.46 -7.89
CA GLU A 12 1.26 4.48 -7.27
C GLU A 12 0.31 5.21 -6.31
N ASP A 13 -0.87 4.65 -6.10
CA ASP A 13 -1.86 5.28 -5.22
C ASP A 13 -1.54 5.05 -3.74
N ASN A 14 -2.57 4.67 -2.98
CA ASN A 14 -2.40 4.43 -1.55
C ASN A 14 -2.65 2.97 -1.21
N GLY A 15 -2.30 2.60 0.02
CA GLY A 15 -2.47 1.24 0.49
C GLY A 15 -1.29 0.37 0.12
N ARG A 16 -0.13 0.97 0.06
CA ARG A 16 1.10 0.26 -0.27
C ARG A 16 1.61 -0.50 0.95
N CYS A 17 1.96 -1.76 0.75
CA CYS A 17 2.45 -2.59 1.85
C CYS A 17 3.79 -2.08 2.36
N THR A 18 3.88 -1.92 3.66
CA THR A 18 5.07 -1.43 4.30
C THR A 18 6.08 -2.53 4.59
N LYS A 19 7.35 -2.18 4.52
CA LYS A 19 8.44 -3.12 4.79
C LYS A 19 9.13 -2.73 6.08
N SER A 20 8.33 -2.54 7.12
CA SER A 20 8.82 -2.16 8.43
C SER A 20 7.74 -2.43 9.45
N ILE A 21 7.83 -1.74 10.56
CA ILE A 21 6.86 -1.89 11.63
C ILE A 21 5.88 -0.71 11.66
N PRO A 22 4.56 -0.96 11.52
CA PRO A 22 4.01 -2.30 11.34
C PRO A 22 3.85 -2.68 9.86
N PRO A 23 4.06 -3.96 9.52
CA PRO A 23 3.94 -4.44 8.14
C PRO A 23 2.50 -4.61 7.70
N ILE A 24 1.93 -3.57 7.13
CA ILE A 24 0.57 -3.61 6.67
C ILE A 24 0.37 -2.66 5.49
N CYS A 25 -0.42 -3.09 4.54
CA CYS A 25 -0.70 -2.32 3.34
C CYS A 25 -1.77 -1.25 3.63
N PHE A 26 -1.37 -0.17 4.29
CA PHE A 26 -2.30 0.90 4.63
C PHE A 26 -1.57 2.18 5.07
N PRO A 27 -0.65 2.11 6.07
CA PRO A 27 0.08 3.29 6.54
C PRO A 27 1.15 3.74 5.56
N ASP A 28 0.72 4.33 4.45
CA ASP A 28 1.63 4.81 3.42
C ASP A 28 2.62 5.82 3.99
N GLY A 29 3.88 5.66 3.63
CA GLY A 29 4.92 6.56 4.11
C GLY A 29 5.32 6.26 5.55
N ARG A 30 5.14 5.01 5.97
CA ARG A 30 5.49 4.61 7.32
C ARG A 30 7.00 4.43 7.45
N PRO A 31 7.66 5.21 8.32
CA PRO A 31 9.11 5.13 8.54
C PRO A 31 9.49 3.87 9.31
N GLY A 1 -3.43 -16.08 6.63
CA GLY A 1 -2.60 -17.20 6.27
C GLY A 1 -2.30 -17.24 4.78
N TYR A 2 -2.43 -18.41 4.18
CA TYR A 2 -2.19 -18.58 2.76
C TYR A 2 -3.19 -17.76 1.94
N LYS A 3 -2.71 -17.08 0.92
CA LYS A 3 -3.55 -16.25 0.07
C LYS A 3 -3.12 -16.41 -1.38
N THR A 4 -4.10 -16.57 -2.27
CA THR A 4 -3.82 -16.74 -3.69
C THR A 4 -3.17 -15.48 -4.26
N SER A 5 -3.66 -14.34 -3.84
CA SER A 5 -3.15 -13.06 -4.28
C SER A 5 -1.86 -12.69 -3.53
N ILE A 6 -0.91 -13.61 -3.51
CA ILE A 6 0.35 -13.39 -2.83
C ILE A 6 1.29 -12.55 -3.69
N SER A 7 1.66 -11.37 -3.20
CA SER A 7 2.52 -10.46 -3.95
C SER A 7 4.00 -10.84 -3.81
N THR A 8 4.30 -12.13 -3.95
CA THR A 8 5.67 -12.60 -3.87
C THR A 8 5.73 -14.09 -4.24
N ILE A 9 5.21 -14.38 -5.42
CA ILE A 9 5.20 -15.74 -5.94
C ILE A 9 6.60 -16.17 -6.35
N THR A 10 7.28 -15.27 -7.03
CA THR A 10 8.64 -15.51 -7.50
C THR A 10 9.54 -14.35 -7.06
N ILE A 11 9.00 -13.15 -7.16
CA ILE A 11 9.71 -11.94 -6.76
C ILE A 11 8.79 -11.08 -5.92
N GLU A 12 9.38 -10.31 -5.02
CA GLU A 12 8.62 -9.43 -4.14
C GLU A 12 7.99 -8.29 -4.93
N ASP A 13 6.70 -8.08 -4.73
CA ASP A 13 5.98 -7.01 -5.42
C ASP A 13 6.15 -5.69 -4.69
N ASN A 14 6.22 -4.61 -5.46
CA ASN A 14 6.37 -3.28 -4.89
C ASN A 14 5.01 -2.70 -4.49
N GLY A 15 4.19 -3.54 -3.87
CA GLY A 15 2.87 -3.13 -3.44
C GLY A 15 2.93 -2.04 -2.39
N ARG A 16 1.82 -1.33 -2.19
CA ARG A 16 1.75 -0.25 -1.20
C ARG A 16 1.73 -0.80 0.22
N CYS A 17 2.48 -1.85 0.45
CA CYS A 17 2.60 -2.47 1.75
C CYS A 17 3.89 -2.02 2.40
N THR A 18 3.83 -1.69 3.68
CA THR A 18 5.00 -1.26 4.40
C THR A 18 5.99 -2.40 4.60
N LYS A 19 7.25 -2.08 4.53
CA LYS A 19 8.32 -3.06 4.70
C LYS A 19 9.07 -2.76 5.97
N SER A 20 8.31 -2.44 7.02
CA SER A 20 8.85 -2.12 8.32
C SER A 20 7.75 -2.31 9.35
N ILE A 21 8.07 -2.18 10.63
CA ILE A 21 7.08 -2.36 11.68
C ILE A 21 6.33 -1.06 11.95
N PRO A 22 4.98 -1.10 11.94
CA PRO A 22 4.18 -2.29 11.66
C PRO A 22 3.88 -2.47 10.17
N PRO A 23 3.98 -3.70 9.65
CA PRO A 23 3.73 -4.00 8.24
C PRO A 23 2.24 -4.13 7.93
N ILE A 24 1.74 -3.26 7.08
CA ILE A 24 0.34 -3.28 6.68
C ILE A 24 0.16 -2.71 5.28
N CYS A 25 -0.66 -3.37 4.50
CA CYS A 25 -0.92 -2.98 3.11
C CYS A 25 -1.99 -1.90 3.00
N PHE A 26 -1.68 -0.68 3.43
CA PHE A 26 -2.62 0.42 3.34
C PHE A 26 -1.93 1.77 3.56
N PRO A 27 -1.36 2.04 4.76
CA PRO A 27 -0.67 3.29 5.04
C PRO A 27 0.79 3.25 4.62
N ASP A 28 1.26 4.35 4.05
CA ASP A 28 2.64 4.47 3.62
C ASP A 28 3.53 4.79 4.81
N GLY A 29 4.75 4.28 4.79
CA GLY A 29 5.67 4.49 5.89
C GLY A 29 5.37 3.56 7.03
N ARG A 30 4.28 3.84 7.74
CA ARG A 30 3.82 3.03 8.86
C ARG A 30 2.66 3.75 9.56
N PRO A 31 1.68 3.00 10.11
CA PRO A 31 0.54 3.61 10.80
C PRO A 31 0.89 4.00 12.24
N GLY A 1 11.73 -12.06 -26.78
CA GLY A 1 13.10 -11.88 -26.32
C GLY A 1 13.48 -10.42 -26.20
N TYR A 2 12.49 -9.61 -25.84
CA TYR A 2 12.68 -8.18 -25.69
C TYR A 2 11.58 -7.60 -24.81
N LYS A 3 11.96 -6.62 -23.97
CA LYS A 3 11.02 -5.96 -23.06
C LYS A 3 10.39 -6.95 -22.08
N THR A 4 11.10 -8.02 -21.85
CA THR A 4 10.66 -9.08 -20.95
C THR A 4 10.57 -8.58 -19.51
N SER A 5 11.56 -7.81 -19.11
CA SER A 5 11.61 -7.26 -17.77
C SER A 5 10.58 -6.14 -17.63
N ILE A 6 9.91 -6.10 -16.48
CA ILE A 6 8.91 -5.08 -16.22
C ILE A 6 9.53 -3.69 -16.31
N SER A 7 8.98 -2.84 -17.16
CA SER A 7 9.49 -1.51 -17.37
C SER A 7 9.01 -0.53 -16.29
N THR A 8 9.53 -0.69 -15.08
CA THR A 8 9.17 0.17 -13.97
C THR A 8 10.34 0.29 -13.01
N ILE A 9 10.44 1.45 -12.35
CA ILE A 9 11.53 1.70 -11.40
C ILE A 9 11.08 2.62 -10.27
N THR A 10 10.65 3.83 -10.63
CA THR A 10 10.22 4.83 -9.66
C THR A 10 9.01 4.34 -8.86
N ILE A 11 8.02 3.80 -9.55
CA ILE A 11 6.82 3.30 -8.89
C ILE A 11 6.92 1.82 -8.60
N GLU A 12 6.37 1.41 -7.47
CA GLU A 12 6.38 0.02 -7.06
C GLU A 12 5.03 -0.62 -7.34
N ASP A 13 5.05 -1.77 -8.02
CA ASP A 13 3.81 -2.48 -8.34
C ASP A 13 3.35 -3.25 -7.10
N ASN A 14 2.63 -2.55 -6.23
CA ASN A 14 2.16 -3.13 -4.98
C ASN A 14 1.13 -2.22 -4.34
N GLY A 15 0.21 -2.81 -3.56
CA GLY A 15 -0.84 -2.05 -2.90
C GLY A 15 -0.35 -1.23 -1.69
N ARG A 16 0.85 -0.67 -1.82
CA ARG A 16 1.44 0.16 -0.76
C ARG A 16 1.73 -0.61 0.52
N CYS A 17 2.23 -1.83 0.40
CA CYS A 17 2.57 -2.62 1.57
C CYS A 17 3.82 -2.03 2.22
N THR A 18 3.80 -1.87 3.53
CA THR A 18 4.95 -1.32 4.25
C THR A 18 6.00 -2.40 4.50
N LYS A 19 7.27 -2.00 4.47
CA LYS A 19 8.37 -2.94 4.69
C LYS A 19 9.06 -2.66 6.02
N SER A 20 8.27 -2.41 7.05
CA SER A 20 8.79 -2.12 8.38
C SER A 20 7.68 -2.29 9.40
N ILE A 21 8.03 -2.24 10.67
CA ILE A 21 7.05 -2.38 11.74
C ILE A 21 6.28 -1.07 11.93
N PRO A 22 4.93 -1.12 11.90
CA PRO A 22 4.16 -2.34 11.69
C PRO A 22 3.85 -2.58 10.21
N PRO A 23 3.97 -3.84 9.74
CA PRO A 23 3.71 -4.19 8.34
C PRO A 23 2.22 -4.13 8.03
N ILE A 24 1.84 -3.20 7.17
CA ILE A 24 0.46 -3.01 6.78
C ILE A 24 0.39 -2.60 5.32
N CYS A 25 -0.55 -3.17 4.59
CA CYS A 25 -0.69 -2.85 3.17
C CYS A 25 -1.96 -2.05 2.94
N PHE A 26 -1.93 -0.78 3.34
CA PHE A 26 -3.08 0.10 3.17
C PHE A 26 -2.66 1.56 3.38
N PRO A 27 -2.15 1.94 4.57
CA PRO A 27 -1.73 3.30 4.84
C PRO A 27 -0.29 3.55 4.40
N ASP A 28 -0.13 4.43 3.44
CA ASP A 28 1.18 4.78 2.91
C ASP A 28 1.86 5.84 3.76
N GLY A 29 2.36 5.42 4.93
CA GLY A 29 3.03 6.33 5.83
C GLY A 29 3.98 5.59 6.74
N ARG A 30 4.69 4.63 6.17
CA ARG A 30 5.63 3.83 6.93
C ARG A 30 6.61 3.16 5.97
N PRO A 31 7.93 3.29 6.22
CA PRO A 31 8.96 2.71 5.35
C PRO A 31 8.95 1.19 5.34
N GLY A 1 -17.16 1.74 1.49
CA GLY A 1 -18.47 2.19 1.06
C GLY A 1 -18.64 2.12 -0.45
N TYR A 2 -17.57 2.46 -1.15
CA TYR A 2 -17.57 2.45 -2.60
C TYR A 2 -16.16 2.28 -3.13
N LYS A 3 -15.43 1.40 -2.48
CA LYS A 3 -14.06 1.10 -2.87
C LYS A 3 -14.01 0.06 -3.98
N THR A 4 -14.63 0.39 -5.10
CA THR A 4 -14.67 -0.50 -6.26
C THR A 4 -13.27 -0.83 -6.74
N SER A 5 -12.40 0.18 -6.72
CA SER A 5 -11.02 0.03 -7.14
C SER A 5 -10.23 1.28 -6.79
N ILE A 6 -9.24 1.14 -5.90
CA ILE A 6 -8.39 2.25 -5.46
C ILE A 6 -9.17 3.23 -4.57
N SER A 7 -8.49 3.72 -3.52
CA SER A 7 -9.07 4.67 -2.58
C SER A 7 -10.22 4.07 -1.75
N THR A 8 -10.05 4.10 -0.44
CA THR A 8 -11.06 3.61 0.47
C THR A 8 -11.87 4.78 1.01
N ILE A 9 -12.83 5.24 0.20
CA ILE A 9 -13.71 6.37 0.53
C ILE A 9 -13.03 7.69 0.19
N THR A 10 -11.78 7.85 0.63
CA THR A 10 -11.01 9.05 0.37
C THR A 10 -9.52 8.73 0.29
N ILE A 11 -8.97 8.25 1.38
CA ILE A 11 -7.56 7.89 1.45
C ILE A 11 -7.31 6.60 0.65
N GLU A 12 -6.07 6.38 0.24
CA GLU A 12 -5.72 5.18 -0.52
C GLU A 12 -5.99 3.92 0.30
N ASP A 13 -6.40 2.86 -0.40
CA ASP A 13 -6.70 1.58 0.24
C ASP A 13 -5.43 0.78 0.48
N ASN A 14 -5.43 -0.47 0.06
CA ASN A 14 -4.28 -1.36 0.21
C ASN A 14 -3.16 -1.01 -0.77
N GLY A 15 -2.66 0.22 -0.69
CA GLY A 15 -1.60 0.69 -1.56
C GLY A 15 -0.24 0.07 -1.28
N ARG A 16 -0.18 -1.26 -1.29
CA ARG A 16 1.05 -2.03 -1.05
C ARG A 16 1.48 -2.00 0.42
N CYS A 17 1.97 -3.13 0.90
CA CYS A 17 2.41 -3.24 2.28
C CYS A 17 3.81 -2.65 2.46
N THR A 18 3.93 -1.85 3.50
CA THR A 18 5.19 -1.19 3.83
C THR A 18 6.22 -2.19 4.39
N LYS A 19 7.48 -1.92 4.13
CA LYS A 19 8.56 -2.77 4.60
C LYS A 19 9.10 -2.28 5.93
N SER A 20 8.22 -2.18 6.92
CA SER A 20 8.59 -1.73 8.25
C SER A 20 7.60 -2.29 9.27
N ILE A 21 7.81 -1.97 10.54
CA ILE A 21 6.92 -2.46 11.59
C ILE A 21 6.06 -1.33 12.15
N PRO A 22 4.73 -1.54 12.24
CA PRO A 22 4.09 -2.78 11.82
C PRO A 22 3.80 -2.80 10.33
N PRO A 23 3.99 -3.96 9.67
CA PRO A 23 3.75 -4.10 8.24
C PRO A 23 2.27 -4.07 7.90
N ILE A 24 1.88 -3.12 7.07
CA ILE A 24 0.49 -2.99 6.66
C ILE A 24 0.40 -2.38 5.27
N CYS A 25 -0.54 -2.87 4.49
CA CYS A 25 -0.75 -2.40 3.12
C CYS A 25 -1.46 -1.06 3.12
N PHE A 26 -0.73 -0.03 3.50
CA PHE A 26 -1.24 1.33 3.55
C PHE A 26 -0.09 2.30 3.40
N PRO A 27 -0.14 3.20 2.40
CA PRO A 27 0.91 4.17 2.14
C PRO A 27 0.92 5.31 3.16
N ASP A 28 1.26 4.98 4.39
CA ASP A 28 1.31 5.96 5.46
C ASP A 28 2.72 6.54 5.58
N GLY A 29 3.15 6.79 6.81
CA GLY A 29 4.46 7.34 7.05
C GLY A 29 4.84 7.22 8.52
N ARG A 30 4.50 6.08 9.09
CA ARG A 30 4.78 5.81 10.50
C ARG A 30 6.26 5.54 10.71
N PRO A 31 6.91 6.24 11.66
CA PRO A 31 8.33 6.05 11.95
C PRO A 31 8.63 4.69 12.57
N GLY A 1 7.72 13.28 -10.09
CA GLY A 1 8.24 12.00 -10.53
C GLY A 1 7.22 11.20 -11.30
N TYR A 2 6.41 11.92 -12.05
CA TYR A 2 5.36 11.29 -12.86
C TYR A 2 5.96 10.55 -14.04
N LYS A 3 5.53 9.31 -14.23
CA LYS A 3 6.01 8.48 -15.32
C LYS A 3 5.35 8.91 -16.63
N THR A 4 6.09 8.74 -17.73
CA THR A 4 5.57 9.09 -19.04
C THR A 4 4.35 8.23 -19.36
N SER A 5 4.42 6.97 -18.94
CA SER A 5 3.33 6.03 -19.15
C SER A 5 2.20 6.35 -18.16
N ILE A 6 1.00 6.54 -18.69
CA ILE A 6 -0.15 6.87 -17.86
C ILE A 6 -0.41 5.78 -16.81
N SER A 7 -0.46 6.16 -15.55
CA SER A 7 -0.71 5.24 -14.47
C SER A 7 -2.13 5.46 -13.92
N THR A 8 -2.46 4.77 -12.82
CA THR A 8 -3.78 4.89 -12.19
C THR A 8 -4.90 4.75 -13.21
N ILE A 9 -4.86 3.64 -13.94
CA ILE A 9 -5.86 3.35 -14.96
C ILE A 9 -6.83 2.28 -14.49
N THR A 10 -6.91 1.18 -15.23
CA THR A 10 -7.78 0.07 -14.88
C THR A 10 -7.30 -0.63 -13.63
N ILE A 11 -5.99 -0.61 -13.41
CA ILE A 11 -5.39 -1.23 -12.25
C ILE A 11 -4.54 -0.22 -11.49
N GLU A 12 -4.47 -0.38 -10.18
CA GLU A 12 -3.71 0.48 -9.30
C GLU A 12 -3.64 -0.15 -7.92
N ASP A 13 -2.51 0.02 -7.25
CA ASP A 13 -2.30 -0.55 -5.92
C ASP A 13 -3.31 0.06 -4.93
N ASN A 14 -4.00 -0.82 -4.21
CA ASN A 14 -5.01 -0.39 -3.23
C ASN A 14 -4.39 0.25 -2.00
N GLY A 15 -3.22 -0.25 -1.62
CA GLY A 15 -2.52 0.27 -0.46
C GLY A 15 -1.15 -0.36 -0.35
N ARG A 16 -0.13 0.47 -0.51
CA ARG A 16 1.26 0.03 -0.46
C ARG A 16 1.57 -0.64 0.87
N CYS A 17 2.15 -1.82 0.81
CA CYS A 17 2.51 -2.55 2.01
C CYS A 17 3.84 -2.07 2.54
N THR A 18 3.86 -1.73 3.81
CA THR A 18 5.06 -1.26 4.48
C THR A 18 6.09 -2.36 4.59
N LYS A 19 7.36 -1.98 4.58
CA LYS A 19 8.44 -2.95 4.67
C LYS A 19 9.16 -2.79 6.01
N SER A 20 8.38 -2.51 7.04
CA SER A 20 8.88 -2.33 8.40
C SER A 20 7.72 -2.38 9.36
N ILE A 21 7.99 -2.21 10.64
CA ILE A 21 6.95 -2.23 11.66
C ILE A 21 6.20 -0.90 11.69
N PRO A 22 4.85 -0.93 11.59
CA PRO A 22 4.06 -2.14 11.44
C PRO A 22 3.81 -2.48 9.97
N PRO A 23 3.98 -3.75 9.58
CA PRO A 23 3.79 -4.18 8.19
C PRO A 23 2.31 -4.34 7.84
N ILE A 24 1.80 -3.40 7.07
CA ILE A 24 0.40 -3.44 6.65
C ILE A 24 0.23 -2.75 5.30
N CYS A 25 -0.60 -3.33 4.46
CA CYS A 25 -0.86 -2.79 3.13
C CYS A 25 -1.88 -1.66 3.19
N PHE A 26 -1.38 -0.44 3.35
CA PHE A 26 -2.21 0.75 3.41
C PHE A 26 -1.34 2.01 3.45
N PRO A 27 -0.43 2.15 4.46
CA PRO A 27 0.44 3.30 4.56
C PRO A 27 1.67 3.16 3.67
N ASP A 28 1.95 4.19 2.90
CA ASP A 28 3.09 4.17 2.00
C ASP A 28 4.37 4.52 2.77
N GLY A 29 5.51 4.06 2.26
CA GLY A 29 6.78 4.33 2.88
C GLY A 29 6.96 3.62 4.21
N ARG A 30 7.32 4.40 5.22
CA ARG A 30 7.56 3.88 6.58
C ARG A 30 8.65 2.82 6.60
N PRO A 31 9.89 3.19 6.20
CA PRO A 31 11.03 2.25 6.19
C PRO A 31 11.57 1.99 7.60
N GLY A 1 3.78 -2.02 16.57
CA GLY A 1 3.29 -3.37 16.74
C GLY A 1 2.56 -3.87 15.51
N TYR A 2 2.84 -5.10 15.11
CA TYR A 2 2.21 -5.69 13.94
C TYR A 2 0.72 -5.94 14.18
N LYS A 3 -0.08 -5.73 13.14
CA LYS A 3 -1.51 -5.92 13.24
C LYS A 3 -2.12 -6.03 11.84
N THR A 4 -3.01 -6.99 11.66
CA THR A 4 -3.67 -7.21 10.38
C THR A 4 -4.50 -6.01 9.96
N SER A 5 -5.10 -5.35 10.96
CA SER A 5 -5.93 -4.17 10.73
C SER A 5 -7.10 -4.50 9.80
N ILE A 6 -7.78 -5.60 10.10
CA ILE A 6 -8.93 -6.02 9.31
C ILE A 6 -10.04 -4.98 9.32
N SER A 7 -10.58 -4.68 8.15
CA SER A 7 -11.64 -3.69 8.02
C SER A 7 -12.37 -3.89 6.68
N THR A 8 -13.68 -3.74 6.71
CA THR A 8 -14.50 -3.92 5.52
C THR A 8 -14.43 -2.70 4.59
N ILE A 9 -13.23 -2.40 4.12
CA ILE A 9 -13.00 -1.28 3.23
C ILE A 9 -13.63 -1.56 1.87
N THR A 10 -13.50 -2.81 1.43
CA THR A 10 -14.04 -3.28 0.15
C THR A 10 -13.25 -2.73 -1.04
N ILE A 11 -13.13 -1.42 -1.12
CA ILE A 11 -12.39 -0.79 -2.21
C ILE A 11 -10.90 -0.77 -1.92
N GLU A 12 -10.10 -0.83 -2.97
CA GLU A 12 -8.65 -0.83 -2.84
C GLU A 12 -8.14 0.60 -2.85
N ASP A 13 -7.38 0.98 -1.83
CA ASP A 13 -6.83 2.32 -1.73
C ASP A 13 -5.47 2.38 -2.43
N ASN A 14 -5.05 3.57 -2.79
CA ASN A 14 -3.76 3.77 -3.45
C ASN A 14 -2.62 3.75 -2.42
N GLY A 15 -2.65 2.74 -1.57
CA GLY A 15 -1.63 2.60 -0.56
C GLY A 15 -0.51 1.70 -1.00
N ARG A 16 0.22 1.14 -0.05
CA ARG A 16 1.32 0.25 -0.34
C ARG A 16 1.82 -0.44 0.93
N CYS A 17 2.05 -1.74 0.84
CA CYS A 17 2.49 -2.51 1.99
C CYS A 17 3.85 -2.00 2.49
N THR A 18 3.92 -1.78 3.78
CA THR A 18 5.14 -1.29 4.41
C THR A 18 6.15 -2.42 4.61
N LYS A 19 7.43 -2.07 4.55
CA LYS A 19 8.50 -3.04 4.73
C LYS A 19 9.19 -2.78 6.06
N SER A 20 8.40 -2.49 7.07
CA SER A 20 8.90 -2.20 8.41
C SER A 20 7.76 -2.34 9.40
N ILE A 21 8.05 -2.20 10.68
CA ILE A 21 7.03 -2.31 11.71
C ILE A 21 6.26 -1.00 11.84
N PRO A 22 4.92 -1.03 11.74
CA PRO A 22 4.16 -2.24 11.50
C PRO A 22 3.88 -2.48 10.02
N PRO A 23 3.99 -3.74 9.55
CA PRO A 23 3.75 -4.07 8.16
C PRO A 23 2.26 -4.13 7.84
N ILE A 24 1.80 -3.24 6.98
CA ILE A 24 0.39 -3.17 6.60
C ILE A 24 0.22 -2.73 5.16
N CYS A 25 -0.76 -3.30 4.48
CA CYS A 25 -1.04 -2.98 3.08
C CYS A 25 -2.18 -1.98 2.95
N PHE A 26 -2.07 -0.84 3.64
CA PHE A 26 -3.09 0.19 3.58
C PHE A 26 -2.51 1.54 4.01
N PRO A 27 -2.08 1.70 5.28
CA PRO A 27 -1.50 2.96 5.74
C PRO A 27 -0.08 3.14 5.20
N ASP A 28 0.17 4.29 4.60
CA ASP A 28 1.49 4.56 4.04
C ASP A 28 2.44 5.00 5.15
N GLY A 29 3.64 4.45 5.15
CA GLY A 29 4.62 4.78 6.15
C GLY A 29 4.20 4.35 7.54
N ARG A 30 4.19 5.29 8.47
CA ARG A 30 3.79 5.03 9.84
C ARG A 30 3.53 6.33 10.58
N PRO A 31 2.36 6.47 11.23
CA PRO A 31 2.01 7.67 11.98
C PRO A 31 2.82 7.80 13.27
N GLY A 1 -10.60 -8.96 -19.22
CA GLY A 1 -9.41 -9.29 -18.46
C GLY A 1 -8.57 -8.06 -18.18
N TYR A 2 -8.54 -7.17 -19.16
CA TYR A 2 -7.78 -5.92 -19.05
C TYR A 2 -8.32 -5.08 -17.90
N LYS A 3 -7.44 -4.82 -16.93
CA LYS A 3 -7.78 -4.03 -15.75
C LYS A 3 -8.99 -4.61 -15.03
N THR A 4 -8.82 -5.79 -14.47
CA THR A 4 -9.90 -6.45 -13.74
C THR A 4 -10.35 -5.58 -12.57
N SER A 5 -9.41 -4.82 -12.03
CA SER A 5 -9.65 -3.91 -10.93
C SER A 5 -8.43 -2.99 -10.76
N ILE A 6 -7.43 -3.51 -10.08
CA ILE A 6 -6.19 -2.79 -9.86
C ILE A 6 -5.16 -3.23 -10.90
N SER A 7 -4.44 -2.28 -11.46
CA SER A 7 -3.43 -2.59 -12.48
C SER A 7 -2.39 -1.48 -12.54
N THR A 8 -1.13 -1.86 -12.41
CA THR A 8 -0.03 -0.91 -12.44
C THR A 8 0.31 -0.55 -13.89
N ILE A 9 -0.65 0.06 -14.57
CA ILE A 9 -0.49 0.47 -15.96
C ILE A 9 0.61 1.51 -16.09
N THR A 10 0.70 2.38 -15.10
CA THR A 10 1.69 3.42 -15.07
C THR A 10 1.77 4.04 -13.67
N ILE A 11 0.62 4.21 -13.04
CA ILE A 11 0.56 4.77 -11.70
C ILE A 11 0.73 3.68 -10.66
N GLU A 12 1.35 4.04 -9.54
CA GLU A 12 1.58 3.11 -8.45
C GLU A 12 0.37 3.10 -7.53
N ASP A 13 0.08 1.95 -6.94
CA ASP A 13 -1.07 1.82 -6.05
C ASP A 13 -0.81 2.55 -4.73
N ASN A 14 -1.89 2.92 -4.06
CA ASN A 14 -1.79 3.65 -2.80
C ASN A 14 -1.64 2.70 -1.61
N GLY A 15 -2.26 1.53 -1.70
CA GLY A 15 -2.20 0.56 -0.61
C GLY A 15 -0.91 -0.25 -0.58
N ARG A 16 0.22 0.43 -0.74
CA ARG A 16 1.52 -0.22 -0.73
C ARG A 16 1.82 -0.78 0.66
N CYS A 17 2.15 -2.06 0.73
CA CYS A 17 2.45 -2.69 2.00
C CYS A 17 3.80 -2.21 2.51
N THR A 18 3.81 -1.81 3.78
CA THR A 18 5.02 -1.32 4.42
C THR A 18 6.04 -2.43 4.64
N LYS A 19 7.31 -2.06 4.55
CA LYS A 19 8.39 -3.02 4.74
C LYS A 19 9.12 -2.72 6.05
N SER A 20 8.33 -2.38 7.05
CA SER A 20 8.84 -2.06 8.38
C SER A 20 7.70 -2.20 9.37
N ILE A 21 8.00 -2.11 10.66
CA ILE A 21 6.97 -2.22 11.70
C ILE A 21 6.14 -0.95 11.78
N PRO A 22 4.80 -1.07 11.66
CA PRO A 22 4.10 -2.33 11.45
C PRO A 22 3.85 -2.61 9.96
N PRO A 23 4.05 -3.87 9.52
CA PRO A 23 3.85 -4.25 8.12
C PRO A 23 2.37 -4.35 7.77
N ILE A 24 1.87 -3.35 7.05
CA ILE A 24 0.48 -3.30 6.65
C ILE A 24 0.34 -2.66 5.27
N CYS A 25 -0.61 -3.16 4.49
CA CYS A 25 -0.86 -2.64 3.15
C CYS A 25 -1.80 -1.43 3.24
N PHE A 26 -1.30 -0.39 3.89
CA PHE A 26 -2.05 0.84 4.09
C PHE A 26 -1.24 2.02 3.56
N PRO A 27 -1.89 2.95 2.85
CA PRO A 27 -1.23 4.14 2.29
C PRO A 27 -0.43 4.90 3.33
N ASP A 28 0.65 5.55 2.87
CA ASP A 28 1.56 6.33 3.73
C ASP A 28 0.79 7.15 4.76
N GLY A 29 0.88 6.73 6.01
CA GLY A 29 0.20 7.42 7.08
C GLY A 29 0.33 6.70 8.40
N ARG A 30 0.73 7.42 9.43
CA ARG A 30 0.90 6.85 10.76
C ARG A 30 1.15 7.94 11.78
N PRO A 31 0.40 7.94 12.90
CA PRO A 31 0.55 8.93 13.96
C PRO A 31 1.86 8.76 14.72
N GLY A 1 2.71 -15.10 -10.38
CA GLY A 1 2.58 -14.15 -9.29
C GLY A 1 2.75 -12.72 -9.77
N TYR A 2 2.24 -12.46 -10.94
CA TYR A 2 2.31 -11.13 -11.53
C TYR A 2 1.41 -10.16 -10.79
N LYS A 3 1.98 -9.05 -10.33
CA LYS A 3 1.23 -8.05 -9.60
C LYS A 3 0.46 -7.13 -10.55
N THR A 4 -0.48 -7.73 -11.27
CA THR A 4 -1.30 -6.99 -12.23
C THR A 4 -2.06 -5.86 -11.56
N SER A 5 -2.54 -6.14 -10.36
CA SER A 5 -3.29 -5.17 -9.57
C SER A 5 -4.55 -4.73 -10.31
N ILE A 6 -4.87 -3.44 -10.24
CA ILE A 6 -6.05 -2.90 -10.91
C ILE A 6 -6.04 -1.38 -10.89
N SER A 7 -6.42 -0.76 -11.99
CA SER A 7 -6.45 0.68 -12.08
C SER A 7 -7.83 1.21 -11.68
N THR A 8 -7.85 2.12 -10.72
CA THR A 8 -9.11 2.68 -10.26
C THR A 8 -9.68 3.64 -11.31
N ILE A 9 -11.00 3.68 -11.39
CA ILE A 9 -11.70 4.54 -12.34
C ILE A 9 -11.60 6.00 -11.94
N THR A 10 -11.68 6.26 -10.64
CA THR A 10 -11.60 7.63 -10.13
C THR A 10 -11.59 7.65 -8.60
N ILE A 11 -12.27 6.70 -7.99
CA ILE A 11 -12.33 6.62 -6.52
C ILE A 11 -10.95 6.32 -5.94
N GLU A 12 -10.73 6.74 -4.71
CA GLU A 12 -9.46 6.51 -4.05
C GLU A 12 -9.30 5.02 -3.73
N ASP A 13 -8.13 4.50 -4.03
CA ASP A 13 -7.82 3.08 -3.79
C ASP A 13 -6.32 2.90 -3.73
N ASN A 14 -5.85 2.15 -2.74
CA ASN A 14 -4.43 1.92 -2.57
C ASN A 14 -4.17 0.85 -1.53
N GLY A 15 -3.08 0.13 -1.71
CA GLY A 15 -2.71 -0.93 -0.79
C GLY A 15 -1.20 -1.10 -0.74
N ARG A 16 -0.51 -0.02 -0.38
CA ARG A 16 0.95 -0.03 -0.31
C ARG A 16 1.42 -0.80 0.93
N CYS A 17 2.05 -1.94 0.72
CA CYS A 17 2.54 -2.74 1.82
C CYS A 17 3.82 -2.16 2.39
N THR A 18 3.86 -2.02 3.70
CA THR A 18 5.01 -1.47 4.37
C THR A 18 6.09 -2.51 4.61
N LYS A 19 7.31 -2.09 4.46
CA LYS A 19 8.46 -2.94 4.68
C LYS A 19 9.14 -2.54 5.98
N SER A 20 8.31 -2.30 7.00
CA SER A 20 8.78 -1.89 8.31
C SER A 20 7.67 -2.15 9.32
N ILE A 21 8.02 -2.14 10.59
CA ILE A 21 7.05 -2.36 11.65
C ILE A 21 6.23 -1.08 11.89
N PRO A 22 4.88 -1.18 11.88
CA PRO A 22 4.14 -2.41 11.64
C PRO A 22 3.83 -2.62 10.16
N PRO A 23 3.97 -3.86 9.66
CA PRO A 23 3.71 -4.18 8.26
C PRO A 23 2.20 -4.21 7.94
N ILE A 24 1.78 -3.28 7.10
CA ILE A 24 0.38 -3.20 6.69
C ILE A 24 0.29 -2.57 5.30
N CYS A 25 -0.55 -3.15 4.47
CA CYS A 25 -0.72 -2.69 3.10
C CYS A 25 -1.75 -1.58 2.98
N PHE A 26 -1.31 -0.35 3.27
CA PHE A 26 -2.17 0.83 3.18
C PHE A 26 -1.37 2.11 3.47
N PRO A 27 -0.80 2.27 4.70
CA PRO A 27 -0.04 3.44 5.07
C PRO A 27 1.46 3.24 4.92
N ASP A 28 1.94 3.27 3.68
CA ASP A 28 3.36 3.08 3.39
C ASP A 28 4.19 4.19 4.03
N GLY A 29 5.36 3.84 4.53
CA GLY A 29 6.22 4.82 5.17
C GLY A 29 5.86 4.99 6.63
N ARG A 30 6.86 5.00 7.49
CA ARG A 30 6.61 5.16 8.92
C ARG A 30 7.21 6.46 9.43
N PRO A 31 6.40 7.29 10.10
CA PRO A 31 6.85 8.58 10.65
C PRO A 31 7.79 8.39 11.84
N GLY A 1 5.26 -29.41 2.68
CA GLY A 1 4.22 -29.83 3.60
C GLY A 1 2.94 -30.19 2.87
N TYR A 2 1.82 -29.72 3.41
CA TYR A 2 0.52 -29.99 2.81
C TYR A 2 -0.50 -29.00 3.32
N LYS A 3 -1.48 -28.66 2.46
CA LYS A 3 -2.55 -27.70 2.76
C LYS A 3 -2.02 -26.45 3.47
N THR A 4 -0.93 -25.90 2.93
CA THR A 4 -0.31 -24.70 3.49
C THR A 4 -1.28 -23.53 3.52
N SER A 5 -2.13 -23.47 2.50
CA SER A 5 -3.14 -22.42 2.36
C SER A 5 -2.49 -21.04 2.31
N ILE A 6 -1.35 -20.96 1.65
CA ILE A 6 -0.63 -19.70 1.52
C ILE A 6 -1.25 -18.86 0.40
N SER A 7 -1.47 -17.59 0.69
CA SER A 7 -2.07 -16.68 -0.29
C SER A 7 -1.67 -15.25 0.04
N THR A 8 -0.41 -15.08 0.42
CA THR A 8 0.14 -13.79 0.77
C THR A 8 1.60 -13.72 0.37
N ILE A 9 2.02 -12.56 -0.17
CA ILE A 9 3.40 -12.34 -0.63
C ILE A 9 3.67 -13.07 -1.95
N THR A 10 3.24 -14.33 -2.02
CA THR A 10 3.42 -15.13 -3.22
C THR A 10 2.66 -14.52 -4.40
N ILE A 11 1.48 -13.99 -4.12
CA ILE A 11 0.66 -13.34 -5.14
C ILE A 11 0.77 -11.84 -5.02
N GLU A 12 0.64 -11.15 -6.15
CA GLU A 12 0.74 -9.69 -6.16
C GLU A 12 -0.48 -9.07 -5.47
N ASP A 13 -0.22 -8.05 -4.66
CA ASP A 13 -1.27 -7.34 -3.93
C ASP A 13 -1.77 -6.13 -4.71
N ASN A 14 -3.06 -5.82 -4.56
CA ASN A 14 -3.66 -4.68 -5.24
C ASN A 14 -3.40 -3.39 -4.46
N GLY A 15 -2.21 -3.31 -3.90
CA GLY A 15 -1.80 -2.17 -3.12
C GLY A 15 -0.31 -2.22 -2.88
N ARG A 16 0.10 -2.15 -1.61
CA ARG A 16 1.52 -2.24 -1.25
C ARG A 16 1.70 -2.15 0.26
N CYS A 17 2.21 -3.21 0.85
CA CYS A 17 2.45 -3.26 2.28
C CYS A 17 3.81 -2.65 2.61
N THR A 18 3.84 -1.87 3.68
CA THR A 18 5.06 -1.21 4.11
C THR A 18 6.13 -2.20 4.53
N LYS A 19 7.37 -1.88 4.22
CA LYS A 19 8.50 -2.72 4.57
C LYS A 19 9.09 -2.27 5.89
N SER A 20 8.27 -2.28 6.92
CA SER A 20 8.67 -1.86 8.25
C SER A 20 7.78 -2.52 9.29
N ILE A 21 7.70 -1.90 10.44
CA ILE A 21 6.88 -2.39 11.53
C ILE A 21 6.02 -1.26 12.10
N PRO A 22 4.70 -1.46 12.17
CA PRO A 22 4.02 -2.68 11.72
C PRO A 22 3.83 -2.72 10.21
N PRO A 23 4.01 -3.90 9.59
CA PRO A 23 3.86 -4.07 8.16
C PRO A 23 2.39 -4.15 7.76
N ILE A 24 1.91 -3.15 7.03
CA ILE A 24 0.52 -3.14 6.59
C ILE A 24 0.39 -2.39 5.28
N CYS A 25 -0.52 -2.86 4.45
CA CYS A 25 -0.78 -2.27 3.14
C CYS A 25 -1.59 -0.98 3.28
N PHE A 26 -1.00 0.00 3.97
CA PHE A 26 -1.64 1.28 4.19
C PHE A 26 -0.58 2.37 4.31
N PRO A 27 -0.64 3.39 3.44
CA PRO A 27 0.33 4.48 3.47
C PRO A 27 0.14 5.40 4.67
N ASP A 28 1.14 5.39 5.55
CA ASP A 28 1.11 6.20 6.77
C ASP A 28 2.49 6.20 7.42
N GLY A 29 2.75 7.19 8.25
CA GLY A 29 4.04 7.31 8.91
C GLY A 29 4.28 6.26 9.98
N ARG A 30 3.22 5.79 10.62
CA ARG A 30 3.33 4.78 11.68
C ARG A 30 3.82 3.42 11.17
N PRO A 31 3.18 2.83 10.13
CA PRO A 31 3.59 1.53 9.58
C PRO A 31 5.05 1.53 9.11
N GLY A 1 -30.16 -4.09 -6.52
CA GLY A 1 -29.65 -4.51 -7.81
C GLY A 1 -28.93 -5.85 -7.72
N TYR A 2 -29.13 -6.68 -8.74
CA TYR A 2 -28.51 -8.00 -8.77
C TYR A 2 -27.00 -7.85 -8.84
N LYS A 3 -26.30 -8.65 -8.04
CA LYS A 3 -24.85 -8.60 -7.98
C LYS A 3 -24.25 -9.96 -8.29
N THR A 4 -24.42 -10.38 -9.53
CA THR A 4 -23.93 -11.68 -10.00
C THR A 4 -22.40 -11.78 -9.84
N SER A 5 -21.73 -10.65 -9.87
CA SER A 5 -20.28 -10.59 -9.72
C SER A 5 -19.87 -9.26 -9.09
N ILE A 6 -19.08 -9.33 -8.04
CA ILE A 6 -18.62 -8.14 -7.33
C ILE A 6 -17.54 -8.51 -6.31
N SER A 7 -16.51 -7.67 -6.20
CA SER A 7 -15.42 -7.93 -5.28
C SER A 7 -15.29 -6.78 -4.29
N THR A 8 -16.42 -6.14 -4.03
CA THR A 8 -16.46 -5.02 -3.12
C THR A 8 -17.28 -5.34 -1.87
N ILE A 9 -16.59 -5.50 -0.74
CA ILE A 9 -17.26 -5.78 0.52
C ILE A 9 -17.92 -4.49 1.03
N THR A 10 -17.21 -3.40 0.84
CA THR A 10 -17.64 -2.06 1.23
C THR A 10 -16.82 -1.08 0.41
N ILE A 11 -15.54 -1.39 0.32
CA ILE A 11 -14.58 -0.63 -0.45
C ILE A 11 -13.69 -1.62 -1.19
N GLU A 12 -13.19 -1.24 -2.36
CA GLU A 12 -12.35 -2.14 -3.14
C GLU A 12 -10.98 -2.25 -2.49
N ASP A 13 -10.42 -3.46 -2.52
CA ASP A 13 -9.11 -3.73 -1.92
C ASP A 13 -8.01 -2.96 -2.62
N ASN A 14 -7.16 -2.31 -1.82
CA ASN A 14 -6.04 -1.53 -2.33
C ASN A 14 -5.23 -0.99 -1.16
N GLY A 15 -3.92 -1.22 -1.18
CA GLY A 15 -3.08 -0.74 -0.11
C GLY A 15 -1.61 -0.96 -0.37
N ARG A 16 -0.80 0.05 -0.09
CA ARG A 16 0.64 -0.04 -0.29
C ARG A 16 1.27 -0.74 0.90
N CYS A 17 1.86 -1.90 0.67
CA CYS A 17 2.49 -2.68 1.73
C CYS A 17 3.77 -2.03 2.24
N THR A 18 3.88 -1.97 3.56
CA THR A 18 5.04 -1.38 4.21
C THR A 18 6.10 -2.44 4.48
N LYS A 19 7.36 -2.03 4.47
CA LYS A 19 8.46 -2.96 4.71
C LYS A 19 9.14 -2.64 6.05
N SER A 20 8.32 -2.36 7.05
CA SER A 20 8.80 -2.06 8.39
C SER A 20 7.66 -2.23 9.37
N ILE A 21 7.98 -2.25 10.65
CA ILE A 21 6.97 -2.41 11.68
C ILE A 21 6.24 -1.08 11.93
N PRO A 22 4.90 -1.09 11.92
CA PRO A 22 4.08 -2.29 11.68
C PRO A 22 3.83 -2.52 10.19
N PRO A 23 3.98 -3.77 9.72
CA PRO A 23 3.77 -4.10 8.30
C PRO A 23 2.30 -4.19 7.95
N ILE A 24 1.84 -3.28 7.10
CA ILE A 24 0.45 -3.26 6.67
C ILE A 24 0.34 -2.64 5.29
N CYS A 25 -0.51 -3.22 4.47
CA CYS A 25 -0.72 -2.76 3.12
C CYS A 25 -1.79 -1.67 3.08
N PHE A 26 -1.35 -0.43 3.18
CA PHE A 26 -2.24 0.73 3.14
C PHE A 26 -1.44 2.03 3.17
N PRO A 27 -0.62 2.28 4.23
CA PRO A 27 0.17 3.50 4.33
C PRO A 27 1.49 3.46 3.55
N ASP A 28 2.03 4.64 3.30
CA ASP A 28 3.29 4.78 2.59
C ASP A 28 4.47 4.65 3.55
N GLY A 29 5.51 3.94 3.14
CA GLY A 29 6.69 3.75 3.97
C GLY A 29 6.44 2.86 5.17
N ARG A 30 5.85 3.43 6.20
CA ARG A 30 5.54 2.71 7.44
C ARG A 30 4.70 3.58 8.37
N PRO A 31 3.72 2.99 9.05
CA PRO A 31 2.84 3.72 9.97
C PRO A 31 3.61 4.23 11.20
N GLY A 1 -6.94 23.09 -19.11
CA GLY A 1 -7.67 24.14 -18.44
C GLY A 1 -9.02 23.69 -17.95
N TYR A 2 -9.61 22.78 -18.69
CA TYR A 2 -10.92 22.22 -18.35
C TYR A 2 -10.80 21.18 -17.25
N LYS A 3 -10.26 21.61 -16.12
CA LYS A 3 -10.06 20.74 -14.95
C LYS A 3 -10.09 21.57 -13.68
N THR A 4 -10.67 21.02 -12.63
CA THR A 4 -10.76 21.71 -11.34
C THR A 4 -10.78 20.70 -10.21
N SER A 5 -11.68 19.72 -10.33
CA SER A 5 -11.82 18.67 -9.33
C SER A 5 -10.69 17.64 -9.47
N ILE A 6 -9.47 18.08 -9.18
CA ILE A 6 -8.30 17.19 -9.29
C ILE A 6 -8.34 16.13 -8.19
N SER A 7 -8.60 14.89 -8.58
CA SER A 7 -8.67 13.77 -7.66
C SER A 7 -8.50 12.48 -8.43
N THR A 8 -7.91 11.47 -7.79
CA THR A 8 -7.68 10.18 -8.42
C THR A 8 -9.00 9.46 -8.69
N ILE A 9 -9.59 9.75 -9.85
CA ILE A 9 -10.87 9.16 -10.27
C ILE A 9 -12.04 9.75 -9.46
N THR A 10 -11.91 9.74 -8.16
CA THR A 10 -12.91 10.28 -7.25
C THR A 10 -12.28 10.61 -5.91
N ILE A 11 -11.48 9.69 -5.39
CA ILE A 11 -10.79 9.88 -4.12
C ILE A 11 -9.38 9.31 -4.20
N GLU A 12 -8.50 9.80 -3.36
CA GLU A 12 -7.12 9.33 -3.32
C GLU A 12 -7.06 7.88 -2.87
N ASP A 13 -6.30 7.06 -3.58
CA ASP A 13 -6.18 5.65 -3.25
C ASP A 13 -4.86 5.38 -2.54
N ASN A 14 -4.85 4.37 -1.70
CA ASN A 14 -3.66 4.00 -0.96
C ASN A 14 -3.79 2.59 -0.38
N GLY A 15 -2.74 1.80 -0.56
CA GLY A 15 -2.74 0.44 -0.07
C GLY A 15 -1.41 -0.23 -0.29
N ARG A 16 -0.34 0.52 -0.03
CA ARG A 16 1.01 0.02 -0.19
C ARG A 16 1.45 -0.74 1.05
N CYS A 17 2.02 -1.93 0.85
CA CYS A 17 2.49 -2.73 1.96
C CYS A 17 3.78 -2.14 2.51
N THR A 18 3.85 -1.99 3.81
CA THR A 18 5.02 -1.42 4.44
C THR A 18 6.09 -2.47 4.69
N LYS A 19 7.33 -2.07 4.47
CA LYS A 19 8.48 -2.94 4.66
C LYS A 19 9.15 -2.63 6.00
N SER A 20 8.32 -2.34 6.99
CA SER A 20 8.80 -2.01 8.32
C SER A 20 7.66 -2.18 9.31
N ILE A 21 8.00 -2.21 10.59
CA ILE A 21 7.00 -2.37 11.63
C ILE A 21 6.24 -1.06 11.86
N PRO A 22 4.90 -1.10 11.83
CA PRO A 22 4.11 -2.31 11.59
C PRO A 22 3.84 -2.53 10.10
N PRO A 23 3.98 -3.77 9.62
CA PRO A 23 3.76 -4.10 8.20
C PRO A 23 2.28 -4.22 7.85
N ILE A 24 1.80 -3.29 7.04
CA ILE A 24 0.42 -3.26 6.61
C ILE A 24 0.30 -2.63 5.23
N CYS A 25 -0.54 -3.22 4.38
CA CYS A 25 -0.75 -2.71 3.04
C CYS A 25 -1.78 -1.60 3.06
N PHE A 26 -1.33 -0.38 3.35
CA PHE A 26 -2.21 0.77 3.43
C PHE A 26 -1.43 2.09 3.42
N PRO A 27 -0.47 2.30 4.36
CA PRO A 27 0.31 3.54 4.42
C PRO A 27 1.59 3.46 3.59
N ASP A 28 2.06 4.63 3.14
CA ASP A 28 3.29 4.70 2.35
C ASP A 28 4.50 4.75 3.27
N GLY A 29 5.53 3.98 2.95
CA GLY A 29 6.75 3.95 3.73
C GLY A 29 6.60 3.23 5.06
N ARG A 30 5.74 3.77 5.91
CA ARG A 30 5.47 3.20 7.23
C ARG A 30 4.37 4.00 7.93
N PRO A 31 3.53 3.33 8.73
CA PRO A 31 2.45 3.99 9.46
C PRO A 31 2.97 5.01 10.48
N GLY A 1 -24.49 -14.02 -17.63
CA GLY A 1 -23.06 -13.93 -17.72
C GLY A 1 -22.44 -13.30 -16.49
N TYR A 2 -21.37 -13.90 -16.00
CA TYR A 2 -20.69 -13.40 -14.81
C TYR A 2 -19.96 -12.10 -15.12
N LYS A 3 -19.94 -11.19 -14.15
CA LYS A 3 -19.29 -9.91 -14.31
C LYS A 3 -18.99 -9.29 -12.94
N THR A 4 -17.73 -8.89 -12.74
CA THR A 4 -17.30 -8.31 -11.47
C THR A 4 -18.04 -7.01 -11.19
N SER A 5 -18.13 -6.17 -12.20
CA SER A 5 -18.82 -4.87 -12.10
C SER A 5 -18.22 -4.03 -10.96
N ILE A 6 -16.89 -4.04 -10.87
CA ILE A 6 -16.19 -3.30 -9.84
C ILE A 6 -16.25 -1.80 -10.10
N SER A 7 -16.58 -1.03 -9.07
CA SER A 7 -16.68 0.42 -9.17
C SER A 7 -16.58 1.03 -7.78
N THR A 8 -15.84 2.12 -7.65
CA THR A 8 -15.66 2.79 -6.38
C THR A 8 -17.01 3.27 -5.82
N ILE A 9 -17.36 2.76 -4.66
CA ILE A 9 -18.63 3.13 -4.01
C ILE A 9 -18.56 4.55 -3.48
N THR A 10 -17.46 4.87 -2.82
CA THR A 10 -17.23 6.19 -2.24
C THR A 10 -15.74 6.39 -2.00
N ILE A 11 -15.13 5.42 -1.36
CA ILE A 11 -13.70 5.45 -1.06
C ILE A 11 -13.08 4.13 -1.48
N GLU A 12 -11.81 4.17 -1.85
CA GLU A 12 -11.10 2.97 -2.27
C GLU A 12 -9.60 3.20 -2.09
N ASP A 13 -8.93 2.23 -1.47
CA ASP A 13 -7.50 2.33 -1.21
C ASP A 13 -6.76 1.16 -1.86
N ASN A 14 -5.46 1.31 -2.05
CA ASN A 14 -4.63 0.28 -2.66
C ASN A 14 -3.18 0.47 -2.24
N GLY A 15 -2.99 0.96 -1.02
CA GLY A 15 -1.67 1.20 -0.49
C GLY A 15 -0.84 -0.06 -0.42
N ARG A 16 0.44 0.08 -0.71
CA ARG A 16 1.36 -1.06 -0.69
C ARG A 16 1.82 -1.34 0.74
N CYS A 17 1.95 -2.61 1.07
CA CYS A 17 2.37 -3.02 2.41
C CYS A 17 3.73 -2.44 2.76
N THR A 18 3.83 -1.89 3.97
CA THR A 18 5.05 -1.29 4.46
C THR A 18 6.14 -2.34 4.70
N LYS A 19 7.38 -1.95 4.45
CA LYS A 19 8.52 -2.85 4.65
C LYS A 19 9.19 -2.57 6.00
N SER A 20 8.35 -2.30 6.99
CA SER A 20 8.82 -2.01 8.34
C SER A 20 7.67 -2.23 9.31
N ILE A 21 7.95 -2.16 10.61
CA ILE A 21 6.93 -2.37 11.62
C ILE A 21 6.12 -1.08 11.85
N PRO A 22 4.78 -1.15 11.77
CA PRO A 22 4.04 -2.38 11.46
C PRO A 22 3.83 -2.58 9.96
N PRO A 23 4.02 -3.81 9.46
CA PRO A 23 3.88 -4.13 8.04
C PRO A 23 2.41 -4.28 7.64
N ILE A 24 1.89 -3.30 6.92
CA ILE A 24 0.50 -3.33 6.47
C ILE A 24 0.33 -2.57 5.17
N CYS A 25 -0.58 -3.04 4.33
CA CYS A 25 -0.86 -2.41 3.04
C CYS A 25 -1.74 -1.18 3.24
N PHE A 26 -1.19 -0.19 3.93
CA PHE A 26 -1.89 1.03 4.23
C PHE A 26 -0.89 2.09 4.67
N PRO A 27 -1.03 3.36 4.21
CA PRO A 27 -0.11 4.44 4.57
C PRO A 27 0.03 4.58 6.09
N ASP A 28 1.26 4.81 6.54
CA ASP A 28 1.54 4.95 7.97
C ASP A 28 0.70 6.05 8.61
N GLY A 29 0.13 5.71 9.75
CA GLY A 29 -0.70 6.63 10.50
C GLY A 29 -1.04 6.06 11.85
N ARG A 30 -0.01 5.50 12.49
CA ARG A 30 -0.17 4.91 13.81
C ARG A 30 -0.64 5.93 14.84
N PRO A 31 -1.63 5.56 15.67
CA PRO A 31 -2.17 6.47 16.70
C PRO A 31 -1.15 6.74 17.81
N GLY A 1 -15.52 -17.38 -15.31
CA GLY A 1 -14.45 -16.63 -15.94
C GLY A 1 -13.50 -17.55 -16.69
N TYR A 2 -13.09 -17.12 -17.88
CA TYR A 2 -12.18 -17.90 -18.70
C TYR A 2 -11.44 -17.00 -19.69
N LYS A 3 -10.13 -17.20 -19.78
CA LYS A 3 -9.27 -16.44 -20.69
C LYS A 3 -9.42 -14.92 -20.46
N THR A 4 -9.55 -14.54 -19.21
CA THR A 4 -9.71 -13.14 -18.85
C THR A 4 -8.37 -12.42 -18.86
N SER A 5 -7.30 -13.18 -18.61
CA SER A 5 -5.92 -12.68 -18.60
C SER A 5 -5.76 -11.41 -17.76
N ILE A 6 -6.30 -11.43 -16.55
CA ILE A 6 -6.20 -10.30 -15.65
C ILE A 6 -4.81 -10.24 -15.03
N SER A 7 -4.20 -9.05 -15.07
CA SER A 7 -2.86 -8.86 -14.52
C SER A 7 -2.91 -8.74 -12.98
N THR A 8 -3.54 -9.70 -12.34
CA THR A 8 -3.68 -9.72 -10.89
C THR A 8 -3.91 -11.14 -10.41
N ILE A 9 -3.23 -11.53 -9.34
CA ILE A 9 -3.36 -12.89 -8.80
C ILE A 9 -4.80 -13.13 -8.33
N THR A 10 -5.31 -12.18 -7.58
CA THR A 10 -6.67 -12.24 -7.05
C THR A 10 -7.11 -10.86 -6.59
N ILE A 11 -6.42 -10.34 -5.58
CA ILE A 11 -6.69 -9.03 -5.03
C ILE A 11 -5.38 -8.36 -4.64
N GLU A 12 -5.38 -7.04 -4.59
CA GLU A 12 -4.19 -6.30 -4.21
C GLU A 12 -4.57 -4.90 -3.75
N ASP A 13 -3.84 -4.38 -2.78
CA ASP A 13 -4.10 -3.06 -2.24
C ASP A 13 -3.65 -1.99 -3.21
N ASN A 14 -4.41 -0.90 -3.30
CA ASN A 14 -4.10 0.21 -4.19
C ASN A 14 -2.72 0.79 -3.87
N GLY A 15 -2.39 0.76 -2.59
CA GLY A 15 -1.10 1.24 -2.15
C GLY A 15 -0.08 0.14 -2.19
N ARG A 16 0.49 -0.19 -1.04
CA ARG A 16 1.48 -1.25 -0.93
C ARG A 16 1.83 -1.48 0.53
N CYS A 17 2.06 -2.74 0.88
CA CYS A 17 2.40 -3.09 2.26
C CYS A 17 3.77 -2.54 2.64
N THR A 18 3.81 -1.97 3.83
CA THR A 18 5.01 -1.34 4.37
C THR A 18 6.14 -2.34 4.59
N LYS A 19 7.35 -1.87 4.39
CA LYS A 19 8.54 -2.69 4.57
C LYS A 19 9.17 -2.43 5.94
N SER A 20 8.31 -2.23 6.93
CA SER A 20 8.75 -1.96 8.29
C SER A 20 7.61 -2.24 9.26
N ILE A 21 7.89 -2.14 10.55
CA ILE A 21 6.87 -2.37 11.57
C ILE A 21 6.07 -1.10 11.83
N PRO A 22 4.72 -1.19 11.81
CA PRO A 22 4.00 -2.44 11.55
C PRO A 22 3.77 -2.67 10.05
N PRO A 23 3.99 -3.89 9.56
CA PRO A 23 3.82 -4.22 8.15
C PRO A 23 2.35 -4.34 7.76
N ILE A 24 1.85 -3.35 7.04
CA ILE A 24 0.47 -3.34 6.59
C ILE A 24 0.37 -2.55 5.29
N CYS A 25 -0.54 -2.98 4.43
CA CYS A 25 -0.72 -2.32 3.15
C CYS A 25 -1.32 -0.94 3.36
N PHE A 26 -0.44 0.05 3.22
CA PHE A 26 -0.73 1.45 3.43
C PHE A 26 0.56 2.20 3.12
N PRO A 27 0.51 3.40 2.52
CA PRO A 27 1.70 4.17 2.17
C PRO A 27 2.76 4.13 3.27
N ASP A 28 3.95 3.66 2.90
CA ASP A 28 5.05 3.52 3.85
C ASP A 28 5.44 4.86 4.44
N GLY A 29 5.12 5.03 5.70
CA GLY A 29 5.40 6.28 6.39
C GLY A 29 4.64 6.35 7.69
N ARG A 30 5.28 6.85 8.74
CA ARG A 30 4.63 6.96 10.03
C ARG A 30 5.23 8.09 10.87
N PRO A 31 6.57 8.11 11.09
CA PRO A 31 7.20 9.17 11.89
C PRO A 31 7.12 10.53 11.22
N GLY A 1 -0.65 -3.27 -4.70
CA GLY A 1 -1.43 -2.28 -4.01
C GLY A 1 -2.57 -1.75 -4.86
N TYR A 2 -2.68 -0.43 -4.94
CA TYR A 2 -3.72 0.23 -5.73
C TYR A 2 -3.59 -0.12 -7.21
N LYS A 3 -4.70 -0.10 -7.92
CA LYS A 3 -4.71 -0.41 -9.35
C LYS A 3 -4.18 0.75 -10.18
N THR A 4 -2.86 0.86 -10.24
CA THR A 4 -2.15 1.91 -10.99
C THR A 4 -2.18 3.24 -10.23
N SER A 5 -3.27 3.49 -9.54
CA SER A 5 -3.45 4.71 -8.76
C SER A 5 -4.75 4.67 -7.99
N ILE A 6 -5.79 4.23 -8.67
CA ILE A 6 -7.13 4.14 -8.09
C ILE A 6 -7.15 3.15 -6.93
N SER A 7 -7.79 3.54 -5.84
CA SER A 7 -7.91 2.72 -4.65
C SER A 7 -9.29 2.94 -4.03
N THR A 8 -9.75 1.98 -3.24
CA THR A 8 -11.07 2.01 -2.61
C THR A 8 -12.16 2.22 -3.64
N ILE A 9 -12.12 1.36 -4.66
CA ILE A 9 -13.08 1.41 -5.76
C ILE A 9 -14.48 1.05 -5.27
N THR A 10 -14.54 0.02 -4.44
CA THR A 10 -15.80 -0.46 -3.87
C THR A 10 -15.50 -1.29 -2.63
N ILE A 11 -14.56 -2.21 -2.78
CA ILE A 11 -14.15 -3.05 -1.67
C ILE A 11 -12.97 -2.39 -0.97
N GLU A 12 -12.62 -2.92 0.18
CA GLU A 12 -11.51 -2.41 0.96
C GLU A 12 -10.18 -2.89 0.38
N ASP A 13 -9.87 -2.44 -0.82
CA ASP A 13 -8.63 -2.83 -1.49
C ASP A 13 -7.43 -2.22 -0.78
N ASN A 14 -6.46 -3.08 -0.45
CA ASN A 14 -5.26 -2.66 0.26
C ASN A 14 -4.32 -1.86 -0.61
N GLY A 15 -3.71 -0.85 -0.01
CA GLY A 15 -2.78 -0.01 -0.72
C GLY A 15 -1.35 -0.54 -0.67
N ARG A 16 -0.40 0.36 -0.48
CA ARG A 16 1.02 -0.01 -0.42
C ARG A 16 1.34 -0.74 0.86
N CYS A 17 2.10 -1.82 0.75
CA CYS A 17 2.51 -2.59 1.92
C CYS A 17 3.83 -2.06 2.47
N THR A 18 3.89 -1.88 3.77
CA THR A 18 5.09 -1.37 4.42
C THR A 18 6.12 -2.47 4.63
N LYS A 19 7.39 -2.12 4.49
CA LYS A 19 8.48 -3.07 4.69
C LYS A 19 9.17 -2.75 6.02
N SER A 20 8.36 -2.43 7.01
CA SER A 20 8.84 -2.10 8.34
C SER A 20 7.68 -2.27 9.32
N ILE A 21 7.93 -2.04 10.59
CA ILE A 21 6.89 -2.19 11.59
C ILE A 21 6.05 -0.91 11.74
N PRO A 22 4.72 -1.02 11.67
CA PRO A 22 4.01 -2.28 11.47
C PRO A 22 3.79 -2.59 9.98
N PRO A 23 4.01 -3.85 9.56
CA PRO A 23 3.85 -4.25 8.17
C PRO A 23 2.38 -4.39 7.78
N ILE A 24 1.84 -3.36 7.15
CA ILE A 24 0.45 -3.36 6.73
C ILE A 24 0.31 -2.67 5.37
N CYS A 25 -0.54 -3.22 4.53
CA CYS A 25 -0.78 -2.64 3.21
C CYS A 25 -1.83 -1.55 3.30
N PHE A 26 -1.48 -0.46 3.99
CA PHE A 26 -2.39 0.66 4.18
C PHE A 26 -1.66 1.92 4.71
N PRO A 27 -0.96 1.83 5.87
CA PRO A 27 -0.26 2.98 6.43
C PRO A 27 1.07 3.27 5.73
N ASP A 28 0.99 3.77 4.51
CA ASP A 28 2.19 4.08 3.72
C ASP A 28 3.02 5.17 4.40
N GLY A 29 4.26 5.32 3.94
CA GLY A 29 5.16 6.31 4.49
C GLY A 29 5.76 5.87 5.80
N ARG A 30 6.02 4.58 5.93
CA ARG A 30 6.61 4.04 7.16
C ARG A 30 7.86 3.21 6.83
N PRO A 31 8.97 3.87 6.46
CA PRO A 31 10.21 3.19 6.11
C PRO A 31 10.92 2.65 7.35
N GLY A 1 11.86 23.08 -15.48
CA GLY A 1 12.20 23.54 -14.14
C GLY A 1 11.28 22.99 -13.09
N TYR A 2 10.00 22.96 -13.41
CA TYR A 2 8.97 22.45 -12.52
C TYR A 2 8.98 20.92 -12.50
N LYS A 3 10.08 20.37 -12.04
CA LYS A 3 10.23 18.92 -11.96
C LYS A 3 9.46 18.36 -10.77
N THR A 4 8.56 17.43 -11.04
CA THR A 4 7.75 16.82 -9.99
C THR A 4 8.62 16.01 -9.03
N SER A 5 9.57 15.29 -9.60
CA SER A 5 10.51 14.44 -8.86
C SER A 5 9.82 13.21 -8.27
N ILE A 6 8.80 13.45 -7.47
CA ILE A 6 8.05 12.37 -6.85
C ILE A 6 7.29 11.56 -7.91
N SER A 7 7.53 10.26 -7.93
CA SER A 7 6.88 9.39 -8.88
C SER A 7 6.37 8.14 -8.18
N THR A 8 5.11 7.81 -8.39
CA THR A 8 4.50 6.65 -7.77
C THR A 8 4.86 5.36 -8.50
N ILE A 9 6.16 5.15 -8.67
CA ILE A 9 6.66 3.96 -9.34
C ILE A 9 6.51 2.75 -8.40
N THR A 10 6.82 2.98 -7.14
CA THR A 10 6.72 1.96 -6.12
C THR A 10 5.95 2.51 -4.93
N ILE A 11 6.36 3.71 -4.52
CA ILE A 11 5.72 4.39 -3.41
C ILE A 11 4.40 5.01 -3.87
N GLU A 12 3.43 5.03 -2.97
CA GLU A 12 2.10 5.58 -3.25
C GLU A 12 1.23 5.43 -1.99
N ASP A 13 0.45 6.45 -1.67
CA ASP A 13 -0.40 6.42 -0.48
C ASP A 13 -1.71 5.69 -0.75
N ASN A 14 -2.41 5.37 0.34
CA ASN A 14 -3.69 4.65 0.28
C ASN A 14 -3.52 3.28 -0.37
N GLY A 15 -2.39 2.65 -0.08
CA GLY A 15 -2.09 1.33 -0.60
C GLY A 15 -0.64 0.97 -0.39
N ARG A 16 -0.21 -0.12 -1.02
CA ARG A 16 1.17 -0.60 -0.93
C ARG A 16 1.50 -1.12 0.48
N CYS A 17 2.15 -2.27 0.55
CA CYS A 17 2.51 -2.86 1.82
C CYS A 17 3.80 -2.24 2.35
N THR A 18 3.82 -1.97 3.65
CA THR A 18 4.97 -1.37 4.30
C THR A 18 6.10 -2.37 4.45
N LYS A 19 7.33 -1.87 4.52
CA LYS A 19 8.49 -2.74 4.66
C LYS A 19 9.16 -2.50 6.00
N SER A 20 8.34 -2.33 7.04
CA SER A 20 8.83 -2.09 8.39
C SER A 20 7.69 -2.29 9.37
N ILE A 21 8.01 -2.27 10.65
CA ILE A 21 7.00 -2.42 11.69
C ILE A 21 6.25 -1.11 11.89
N PRO A 22 4.90 -1.14 11.86
CA PRO A 22 4.11 -2.35 11.63
C PRO A 22 3.82 -2.58 10.15
N PRO A 23 3.96 -3.82 9.66
CA PRO A 23 3.74 -4.16 8.26
C PRO A 23 2.24 -4.20 7.92
N ILE A 24 1.79 -3.26 7.10
CA ILE A 24 0.40 -3.20 6.69
C ILE A 24 0.30 -2.57 5.30
N CYS A 25 -0.60 -3.12 4.49
CA CYS A 25 -0.79 -2.63 3.14
C CYS A 25 -1.83 -1.51 3.09
N PHE A 26 -1.37 -0.29 3.33
CA PHE A 26 -2.22 0.89 3.31
C PHE A 26 -1.35 2.16 3.37
N PRO A 27 -0.48 2.31 4.40
CA PRO A 27 0.38 3.46 4.53
C PRO A 27 1.67 3.27 3.72
N ASP A 28 2.13 4.31 3.05
CA ASP A 28 3.35 4.20 2.26
C ASP A 28 4.57 4.16 3.16
N GLY A 29 5.53 3.32 2.80
CA GLY A 29 6.75 3.19 3.58
C GLY A 29 6.52 2.44 4.89
N ARG A 30 5.91 3.14 5.83
CA ARG A 30 5.59 2.58 7.15
C ARG A 30 4.77 3.57 7.96
N PRO A 31 3.82 3.08 8.76
CA PRO A 31 2.97 3.92 9.59
C PRO A 31 3.76 4.70 10.63
N GLY A 1 -0.30 -11.23 -26.64
CA GLY A 1 0.53 -12.38 -26.96
C GLY A 1 0.85 -13.22 -25.74
N TYR A 2 2.11 -13.59 -25.58
CA TYR A 2 2.54 -14.39 -24.44
C TYR A 2 2.37 -13.59 -23.16
N LYS A 3 1.69 -14.18 -22.19
CA LYS A 3 1.44 -13.53 -20.91
C LYS A 3 1.44 -14.57 -19.78
N THR A 4 2.52 -15.34 -19.73
CA THR A 4 2.66 -16.38 -18.71
C THR A 4 2.68 -15.76 -17.32
N SER A 5 3.36 -14.63 -17.21
CA SER A 5 3.45 -13.92 -15.96
C SER A 5 2.20 -13.05 -15.77
N ILE A 6 1.58 -13.15 -14.60
CA ILE A 6 0.37 -12.38 -14.31
C ILE A 6 0.66 -10.88 -14.32
N SER A 7 -0.15 -10.14 -15.07
CA SER A 7 0.02 -8.70 -15.16
C SER A 7 -0.41 -8.02 -13.86
N THR A 8 0.43 -7.16 -13.34
CA THR A 8 0.13 -6.46 -12.10
C THR A 8 0.98 -5.20 -11.97
N ILE A 9 0.39 -4.18 -11.39
CA ILE A 9 1.06 -2.89 -11.19
C ILE A 9 2.11 -3.02 -10.09
N THR A 10 1.89 -3.99 -9.19
CA THR A 10 2.77 -4.25 -8.06
C THR A 10 2.54 -3.23 -6.95
N ILE A 11 2.50 -1.96 -7.33
CA ILE A 11 2.25 -0.90 -6.38
C ILE A 11 0.76 -0.55 -6.40
N GLU A 12 0.32 0.20 -5.41
CA GLU A 12 -1.08 0.60 -5.32
C GLU A 12 -1.20 1.80 -4.39
N ASP A 13 -2.02 2.77 -4.80
CA ASP A 13 -2.22 3.99 -4.01
C ASP A 13 -3.10 3.70 -2.81
N ASN A 14 -2.71 4.26 -1.66
CA ASN A 14 -3.45 4.11 -0.41
C ASN A 14 -3.64 2.64 -0.05
N GLY A 15 -2.66 1.82 -0.38
CA GLY A 15 -2.72 0.41 -0.07
C GLY A 15 -1.40 -0.29 -0.32
N ARG A 16 -0.31 0.48 -0.22
CA ARG A 16 1.02 -0.09 -0.42
C ARG A 16 1.50 -0.74 0.87
N CYS A 17 2.01 -1.96 0.76
CA CYS A 17 2.50 -2.70 1.91
C CYS A 17 3.81 -2.09 2.43
N THR A 18 3.89 -1.93 3.74
CA THR A 18 5.06 -1.38 4.37
C THR A 18 6.13 -2.45 4.60
N LYS A 19 7.39 -2.04 4.50
CA LYS A 19 8.49 -2.97 4.70
C LYS A 19 9.18 -2.67 6.03
N SER A 20 8.36 -2.38 7.03
CA SER A 20 8.84 -2.08 8.38
C SER A 20 7.70 -2.29 9.36
N ILE A 21 7.99 -2.14 10.64
CA ILE A 21 6.98 -2.31 11.67
C ILE A 21 6.18 -1.02 11.85
N PRO A 22 4.84 -1.08 11.79
CA PRO A 22 4.09 -2.31 11.55
C PRO A 22 3.83 -2.54 10.05
N PRO A 23 4.00 -3.79 9.58
CA PRO A 23 3.78 -4.14 8.18
C PRO A 23 2.30 -4.23 7.83
N ILE A 24 1.81 -3.28 7.05
CA ILE A 24 0.41 -3.28 6.65
C ILE A 24 0.26 -2.60 5.30
N CYS A 25 -0.57 -3.20 4.47
CA CYS A 25 -0.82 -2.70 3.12
C CYS A 25 -1.94 -1.66 3.13
N PHE A 26 -1.59 -0.43 3.45
CA PHE A 26 -2.56 0.66 3.50
C PHE A 26 -1.87 2.03 3.62
N PRO A 27 -1.09 2.27 4.69
CA PRO A 27 -0.40 3.54 4.87
C PRO A 27 1.01 3.51 4.28
N ASP A 28 1.32 4.49 3.44
CA ASP A 28 2.63 4.57 2.82
C ASP A 28 3.61 5.20 3.81
N GLY A 29 4.84 4.71 3.80
CA GLY A 29 5.85 5.23 4.70
C GLY A 29 5.66 4.71 6.11
N ARG A 30 5.51 5.63 7.05
CA ARG A 30 5.29 5.28 8.45
C ARG A 30 4.99 6.54 9.26
N PRO A 31 4.01 6.46 10.18
CA PRO A 31 3.63 7.59 11.02
C PRO A 31 4.74 8.03 11.97
#